data_3P8Z
#
_entry.id   3P8Z
#
_cell.length_a   51.811
_cell.length_b   61.095
_cell.length_c   184.683
_cell.angle_alpha   90.00
_cell.angle_beta   90.00
_cell.angle_gamma   90.00
#
_symmetry.space_group_name_H-M   'P 2 21 21'
#
loop_
_entity.id
_entity.type
_entity.pdbx_description
1 polymer 'Non-structural protein 5'
2 non-polymer '(S)-2-amino-4-(((2S,3S,4R,5R)-5-(6-(3-chlorobenzylamino)-9H-purin-9-yl)-3,4-dihydroxytetrahydrofuran-2-yl)methylthio)butanoic acid'
3 non-polymer S-ADENOSYL-L-HOMOCYSTEINE
4 water water
#
_entity_poly.entity_id   1
_entity_poly.type   'polypeptide(L)'
_entity_poly.pdbx_seq_one_letter_code
;GPLGSGTGSQGETLGEKWKKKLNQLSRKEFDLYKKSGITEVDRTEAKEGLKRGETTHHAVSRGSAKLQWFVERNMVIPEG
RVIDLGCGRGGWSYYCAGLKKVTEVRGYTKGGPGHEEPVPMSTYGWNIVKLMSGKDVFYLPPEKCDTLLCDIGESSPSPT
VEESRTIRVLKMVEPWLKNNQFCIKVLNPYMPTVIEHLERLQRKHGGMLVRNPLSRNSTHEMYWISNGTGNIVSSVNMVS
RLLLNRFTMTHRRPTIEKDVDLGAGTR
;
_entity_poly.pdbx_strand_id   A,C
#
# COMPACT_ATOMS: atom_id res chain seq x y z
N GLY A 11 14.52 27.10 6.62
CA GLY A 11 15.47 25.93 6.56
C GLY A 11 16.90 26.41 6.58
N GLU A 12 17.39 26.89 5.44
CA GLU A 12 16.86 26.51 4.15
C GLU A 12 17.99 25.69 3.55
N THR A 13 17.69 24.48 3.08
CA THR A 13 18.74 23.61 2.55
C THR A 13 19.28 24.13 1.19
N LEU A 14 20.48 23.69 0.84
CA LEU A 14 21.06 23.92 -0.49
C LEU A 14 20.09 23.46 -1.59
N GLY A 15 19.50 22.29 -1.40
CA GLY A 15 18.54 21.76 -2.35
C GLY A 15 17.37 22.71 -2.55
N GLU A 16 16.87 23.27 -1.45
CA GLU A 16 15.80 24.24 -1.56
C GLU A 16 16.21 25.50 -2.32
N LYS A 17 17.46 25.92 -2.16
CA LYS A 17 17.97 27.08 -2.93
C LYS A 17 18.07 26.78 -4.42
N TRP A 18 18.60 25.59 -4.73
CA TRP A 18 18.61 25.06 -6.08
C TRP A 18 17.20 25.09 -6.70
N LYS A 19 16.22 24.61 -5.94
CA LYS A 19 14.86 24.49 -6.43
C LYS A 19 14.28 25.89 -6.78
N LYS A 20 14.51 26.87 -5.90
CA LYS A 20 14.07 28.26 -6.16
C LYS A 20 14.65 28.82 -7.44
N LYS A 21 15.97 28.63 -7.61
CA LYS A 21 16.65 29.06 -8.84
C LYS A 21 16.04 28.40 -10.08
N LEU A 22 15.84 27.07 -10.00
CA LEU A 22 15.30 26.33 -11.14
C LEU A 22 13.94 26.89 -11.56
N ASN A 23 13.12 27.21 -10.57
CA ASN A 23 11.76 27.67 -10.82
C ASN A 23 11.73 29.08 -11.43
N GLN A 24 12.82 29.84 -11.18
CA GLN A 24 13.02 31.20 -11.76
C GLN A 24 13.39 31.17 -13.25
N LEU A 25 14.05 30.11 -13.69
CA LEU A 25 14.46 30.02 -15.09
C LEU A 25 13.33 30.21 -16.10
N SER A 26 13.59 30.97 -17.16
CA SER A 26 12.71 30.98 -18.30
C SER A 26 12.74 29.57 -18.90
N ARG A 27 11.74 29.23 -19.72
CA ARG A 27 11.75 27.95 -20.44
C ARG A 27 13.00 27.71 -21.29
N LYS A 28 13.40 28.73 -22.04
CA LYS A 28 14.61 28.67 -22.85
C LYS A 28 15.83 28.34 -21.96
N GLU A 29 15.99 29.05 -20.86
CA GLU A 29 17.05 28.79 -19.91
C GLU A 29 16.93 27.40 -19.29
N PHE A 30 15.70 26.96 -19.08
CA PHE A 30 15.47 25.64 -18.46
C PHE A 30 15.95 24.51 -19.36
N ASP A 31 15.56 24.56 -20.63
CA ASP A 31 15.93 23.54 -21.59
C ASP A 31 17.44 23.50 -21.80
N LEU A 32 18.12 24.65 -21.74
CA LEU A 32 19.59 24.63 -21.81
C LEU A 32 20.20 24.05 -20.54
N TYR A 33 19.68 24.46 -19.39
CA TYR A 33 20.23 24.02 -18.10
C TYR A 33 20.07 22.50 -17.88
N LYS A 34 18.94 21.94 -18.35
CA LYS A 34 18.55 20.59 -17.90
C LYS A 34 19.53 19.49 -18.32
N LYS A 35 20.18 19.71 -19.46
CA LYS A 35 21.15 18.74 -19.97
C LYS A 35 22.61 19.21 -19.85
N SER A 36 22.83 20.36 -19.21
CA SER A 36 24.18 20.97 -19.17
C SER A 36 25.17 20.09 -18.39
N GLY A 37 26.12 19.50 -19.12
CA GLY A 37 27.19 18.72 -18.51
C GLY A 37 26.76 17.32 -18.05
N ILE A 38 25.54 16.91 -18.38
CA ILE A 38 25.12 15.55 -17.93
C ILE A 38 25.65 14.50 -18.92
N THR A 39 25.40 13.21 -18.63
CA THR A 39 25.66 12.18 -19.60
C THR A 39 24.32 11.75 -20.16
N GLU A 40 24.31 11.33 -21.42
CA GLU A 40 23.10 10.76 -21.98
C GLU A 40 23.42 9.77 -23.09
N VAL A 41 22.54 8.78 -23.25
CA VAL A 41 22.71 7.83 -24.32
C VAL A 41 22.07 8.37 -25.61
N ASP A 42 22.64 8.00 -26.74
CA ASP A 42 22.09 8.37 -28.02
C ASP A 42 20.91 7.46 -28.40
N ARG A 43 19.70 8.02 -28.35
CA ARG A 43 18.47 7.25 -28.54
C ARG A 43 17.97 7.16 -30.00
N THR A 44 18.74 7.77 -30.92
CA THR A 44 18.31 7.93 -32.33
C THR A 44 17.86 6.61 -32.96
N GLU A 45 18.76 5.62 -32.91
CA GLU A 45 18.53 4.33 -33.56
C GLU A 45 17.30 3.64 -32.94
N ALA A 46 17.24 3.62 -31.60
CA ALA A 46 16.13 3.00 -30.84
C ALA A 46 14.79 3.67 -31.13
N LYS A 47 14.75 5.00 -31.10
CA LYS A 47 13.50 5.71 -31.43
C LYS A 47 13.03 5.36 -32.85
N GLU A 48 13.95 5.39 -33.81
CA GLU A 48 13.61 5.03 -35.19
C GLU A 48 13.07 3.60 -35.31
N GLY A 49 13.76 2.62 -34.72
CA GLY A 49 13.32 1.25 -34.67
C GLY A 49 11.92 1.15 -34.07
N LEU A 50 11.73 1.77 -32.89
CA LEU A 50 10.42 1.74 -32.23
C LEU A 50 9.28 2.39 -33.02
N LYS A 51 9.55 3.50 -33.72
CA LYS A 51 8.58 4.09 -34.63
C LYS A 51 8.11 3.11 -35.71
N ARG A 52 9.00 2.20 -36.11
CA ARG A 52 8.74 1.22 -37.18
C ARG A 52 8.20 -0.08 -36.65
N GLY A 53 8.00 -0.14 -35.33
CA GLY A 53 7.42 -1.31 -34.68
C GLY A 53 8.39 -2.45 -34.47
N GLU A 54 9.69 -2.12 -34.54
CA GLU A 54 10.71 -3.13 -34.33
C GLU A 54 10.69 -3.59 -32.88
N THR A 55 10.91 -4.90 -32.69
CA THR A 55 10.67 -5.54 -31.41
C THR A 55 11.93 -6.15 -30.73
N THR A 56 13.04 -6.16 -31.46
CA THR A 56 14.30 -6.73 -31.00
C THR A 56 15.35 -5.60 -30.78
N HIS A 57 16.34 -5.89 -29.95
CA HIS A 57 17.53 -5.02 -29.70
C HIS A 57 17.27 -3.73 -28.90
N HIS A 58 16.25 -2.98 -29.32
CA HIS A 58 15.99 -1.65 -28.79
C HIS A 58 15.51 -1.67 -27.35
N ALA A 59 16.08 -0.79 -26.52
CA ALA A 59 15.46 -0.48 -25.22
C ALA A 59 14.26 0.45 -25.46
N VAL A 60 13.18 0.22 -24.72
CA VAL A 60 11.97 0.99 -24.92
C VAL A 60 12.04 2.41 -24.36
N SER A 61 13.02 2.67 -23.49
CA SER A 61 13.20 4.00 -22.89
C SER A 61 14.66 4.24 -22.52
N ARG A 62 14.95 5.46 -22.04
CA ARG A 62 16.30 5.75 -21.46
C ARG A 62 16.56 5.01 -20.14
N GLY A 63 15.52 4.36 -19.59
CA GLY A 63 15.58 3.72 -18.30
C GLY A 63 16.51 2.51 -18.29
N SER A 64 16.54 1.78 -19.41
CA SER A 64 17.40 0.58 -19.47
C SER A 64 18.86 1.01 -19.21
N ALA A 65 19.30 2.07 -19.88
CA ALA A 65 20.70 2.52 -19.67
C ALA A 65 20.90 3.07 -18.26
N LYS A 66 19.87 3.72 -17.73
CA LYS A 66 19.96 4.33 -16.39
C LYS A 66 20.16 3.24 -15.32
N LEU A 67 19.38 2.17 -15.42
CA LEU A 67 19.52 1.09 -14.44
C LEU A 67 20.85 0.33 -14.67
N GLN A 68 21.17 0.12 -15.94
CA GLN A 68 22.47 -0.49 -16.32
C GLN A 68 23.65 0.18 -15.64
N TRP A 69 23.60 1.50 -15.53
CA TRP A 69 24.69 2.22 -14.87
C TRP A 69 24.93 1.73 -13.42
N PHE A 70 23.86 1.52 -12.66
CA PHE A 70 23.95 1.04 -11.30
C PHE A 70 24.38 -0.42 -11.26
N VAL A 71 23.89 -1.23 -12.20
CA VAL A 71 24.08 -2.69 -12.17
C VAL A 71 25.54 -2.99 -12.53
N GLU A 72 26.02 -2.33 -13.59
CA GLU A 72 27.41 -2.54 -14.03
C GLU A 72 28.45 -2.09 -12.97
N ARG A 73 28.03 -1.25 -12.02
CA ARG A 73 28.85 -0.83 -10.88
C ARG A 73 28.59 -1.65 -9.58
N ASN A 74 27.84 -2.74 -9.73
CA ASN A 74 27.44 -3.61 -8.61
C ASN A 74 26.69 -2.92 -7.43
N MET A 75 25.96 -1.83 -7.70
CA MET A 75 25.30 -1.09 -6.65
C MET A 75 23.94 -1.72 -6.29
N VAL A 76 23.37 -2.34 -7.31
CA VAL A 76 22.29 -3.30 -7.16
C VAL A 76 22.60 -4.42 -8.13
N ILE A 77 22.34 -5.66 -7.69
CA ILE A 77 22.67 -6.82 -8.47
C ILE A 77 21.42 -7.69 -8.61
N PRO A 78 20.60 -7.46 -9.66
CA PRO A 78 19.32 -8.16 -9.85
C PRO A 78 19.48 -9.69 -9.89
N GLU A 79 18.57 -10.38 -9.21
CA GLU A 79 18.63 -11.84 -9.15
C GLU A 79 17.21 -12.39 -8.96
N GLY A 80 17.01 -13.66 -9.31
CA GLY A 80 15.75 -14.36 -9.05
C GLY A 80 14.52 -13.58 -9.48
N ARG A 81 13.60 -13.43 -8.54
CA ARG A 81 12.34 -12.74 -8.78
C ARG A 81 12.50 -11.22 -8.55
N VAL A 82 12.38 -10.49 -9.65
CA VAL A 82 12.57 -9.05 -9.69
C VAL A 82 11.17 -8.37 -9.74
N ILE A 83 10.88 -7.49 -8.80
CA ILE A 83 9.66 -6.63 -8.86
C ILE A 83 10.07 -5.22 -9.32
N ASP A 84 9.36 -4.70 -10.32
CA ASP A 84 9.66 -3.38 -10.88
C ASP A 84 8.44 -2.47 -10.70
N LEU A 85 8.48 -1.65 -9.66
CA LEU A 85 7.37 -0.74 -9.26
C LEU A 85 7.45 0.58 -10.04
N GLY A 86 6.34 0.93 -10.69
CA GLY A 86 6.30 2.02 -11.66
C GLY A 86 7.13 1.67 -12.88
N CYS A 87 6.77 0.58 -13.57
CA CYS A 87 7.61 0.11 -14.68
C CYS A 87 7.51 0.97 -15.94
N GLY A 88 6.45 1.79 -16.09
CA GLY A 88 6.22 2.52 -17.34
C GLY A 88 6.24 1.63 -18.57
N ARG A 89 7.00 2.06 -19.58
CA ARG A 89 7.14 1.30 -20.81
CA ARG A 89 7.20 1.31 -20.83
C ARG A 89 7.86 -0.04 -20.62
N GLY A 90 8.70 -0.13 -19.59
CA GLY A 90 9.37 -1.37 -19.17
C GLY A 90 10.90 -1.40 -19.25
N GLY A 91 11.51 -0.22 -19.39
CA GLY A 91 13.00 -0.17 -19.53
C GLY A 91 13.78 -0.93 -18.48
N TRP A 92 13.36 -0.85 -17.20
CA TRP A 92 14.10 -1.54 -16.16
C TRP A 92 13.83 -3.05 -16.25
N SER A 93 12.59 -3.40 -16.56
CA SER A 93 12.17 -4.80 -16.63
C SER A 93 12.83 -5.56 -17.75
N TYR A 94 12.85 -5.00 -18.93
CA TYR A 94 13.45 -5.64 -20.11
C TYR A 94 14.97 -5.74 -19.91
N TYR A 95 15.57 -4.70 -19.34
CA TYR A 95 16.98 -4.81 -18.97
C TYR A 95 17.27 -5.99 -18.05
N CYS A 96 16.62 -6.03 -16.88
CA CYS A 96 16.81 -7.11 -15.91
C CYS A 96 16.53 -8.50 -16.53
N ALA A 97 15.64 -8.55 -17.54
CA ALA A 97 15.18 -9.83 -18.14
C ALA A 97 16.30 -10.55 -18.91
N GLY A 98 17.30 -9.78 -19.31
CA GLY A 98 18.41 -10.37 -20.05
C GLY A 98 19.57 -10.81 -19.21
N LEU A 99 19.49 -10.56 -17.90
CA LEU A 99 20.61 -10.83 -16.97
C LEU A 99 20.68 -12.26 -16.43
N LYS A 100 21.90 -12.80 -16.29
CA LYS A 100 22.06 -14.23 -15.98
C LYS A 100 21.35 -14.73 -14.71
N LYS A 101 21.46 -14.02 -13.59
CA LYS A 101 20.89 -14.45 -12.32
C LYS A 101 19.38 -14.20 -12.22
N VAL A 102 18.79 -13.57 -13.23
CA VAL A 102 17.38 -13.18 -13.09
C VAL A 102 16.47 -14.30 -13.57
N THR A 103 15.46 -14.65 -12.78
CA THR A 103 14.56 -15.73 -13.18
C THR A 103 13.13 -15.32 -13.55
N GLU A 104 12.68 -14.19 -13.01
CA GLU A 104 11.32 -13.74 -13.25
C GLU A 104 11.28 -12.24 -13.05
N VAL A 105 10.60 -11.54 -13.96
CA VAL A 105 10.41 -10.09 -13.81
C VAL A 105 8.93 -9.77 -13.81
N ARG A 106 8.51 -9.11 -12.74
CA ARG A 106 7.13 -8.63 -12.56
CA ARG A 106 7.11 -8.62 -12.64
C ARG A 106 7.13 -7.10 -12.50
N GLY A 107 6.51 -6.43 -13.48
CA GLY A 107 6.42 -4.95 -13.49
C GLY A 107 4.98 -4.46 -13.33
N TYR A 108 4.82 -3.40 -12.55
CA TYR A 108 3.49 -2.82 -12.24
C TYR A 108 3.55 -1.35 -12.56
N THR A 109 2.54 -0.85 -13.26
CA THR A 109 2.53 0.57 -13.56
C THR A 109 1.10 1.07 -13.69
N LYS A 110 0.93 2.38 -13.55
CA LYS A 110 -0.41 2.95 -13.47
C LYS A 110 -1.11 2.96 -14.82
N GLY A 111 -0.39 3.40 -15.85
CA GLY A 111 -0.94 3.57 -17.18
C GLY A 111 -2.12 4.56 -17.15
N GLY A 112 -2.88 4.59 -18.22
CA GLY A 112 -4.03 5.51 -18.29
C GLY A 112 -3.57 6.92 -18.68
N PRO A 113 -4.51 7.88 -18.71
CA PRO A 113 -4.12 9.26 -19.04
C PRO A 113 -3.03 9.82 -18.16
N GLY A 114 -2.03 10.41 -18.81
CA GLY A 114 -0.87 11.02 -18.15
C GLY A 114 0.24 10.03 -17.80
N HIS A 115 0.07 8.77 -18.17
CA HIS A 115 1.02 7.74 -17.72
C HIS A 115 1.35 6.80 -18.89
N GLU A 116 2.62 6.42 -18.99
CA GLU A 116 3.07 5.50 -20.03
C GLU A 116 2.53 4.07 -19.82
N GLU A 117 2.18 3.42 -20.92
CA GLU A 117 1.76 2.01 -20.92
C GLU A 117 2.99 1.12 -21.18
N PRO A 118 2.96 -0.12 -20.68
CA PRO A 118 4.02 -1.04 -21.07
C PRO A 118 4.02 -1.26 -22.58
N VAL A 119 5.22 -1.44 -23.14
CA VAL A 119 5.43 -1.70 -24.55
C VAL A 119 5.88 -3.14 -24.68
N PRO A 120 5.16 -3.94 -25.50
CA PRO A 120 5.60 -5.33 -25.71
C PRO A 120 6.85 -5.37 -26.59
N MET A 121 7.81 -6.15 -26.18
CA MET A 121 9.04 -6.33 -26.96
C MET A 121 9.47 -7.79 -26.94
N SER A 122 10.31 -8.13 -27.93
CA SER A 122 10.89 -9.45 -28.06
C SER A 122 12.41 -9.41 -27.86
N THR A 123 12.85 -8.57 -26.92
CA THR A 123 14.27 -8.47 -26.53
C THR A 123 14.67 -9.65 -25.66
N TYR A 124 15.97 -9.89 -25.53
CA TYR A 124 16.43 -11.08 -24.76
C TYR A 124 15.83 -11.27 -23.35
N GLY A 125 15.15 -12.43 -23.13
CA GLY A 125 14.67 -12.82 -21.78
C GLY A 125 13.24 -12.37 -21.42
N TRP A 126 12.55 -11.93 -22.46
CA TRP A 126 11.19 -11.39 -22.47
C TRP A 126 10.14 -12.37 -21.93
N ASN A 127 10.54 -13.63 -21.73
CA ASN A 127 9.66 -14.73 -21.25
C ASN A 127 9.58 -14.86 -19.74
N ILE A 128 10.53 -14.28 -19.02
CA ILE A 128 10.45 -14.24 -17.58
C ILE A 128 9.79 -12.91 -17.17
N VAL A 129 9.25 -12.18 -18.15
CA VAL A 129 8.70 -10.81 -17.93
C VAL A 129 7.17 -10.75 -18.05
N LYS A 130 6.54 -10.19 -17.01
CA LYS A 130 5.13 -9.78 -17.09
C LYS A 130 4.96 -8.33 -16.59
N LEU A 131 4.47 -7.48 -17.47
CA LEU A 131 4.19 -6.06 -17.19
C LEU A 131 2.67 -5.82 -17.07
N MET A 132 2.26 -5.24 -15.95
CA MET A 132 0.82 -5.03 -15.69
C MET A 132 0.51 -3.56 -15.50
N SER A 133 -0.33 -3.05 -16.37
CA SER A 133 -0.82 -1.70 -16.28
C SER A 133 -2.12 -1.64 -15.45
N GLY A 134 -2.61 -0.43 -15.15
CA GLY A 134 -3.82 -0.26 -14.34
C GLY A 134 -3.58 -0.56 -12.88
N LYS A 135 -2.32 -0.40 -12.44
CA LYS A 135 -1.93 -0.80 -11.12
C LYS A 135 -1.28 0.37 -10.39
N ASP A 136 -2.00 0.94 -9.43
CA ASP A 136 -1.43 1.91 -8.49
C ASP A 136 -0.76 1.12 -7.37
N VAL A 137 0.57 1.20 -7.29
CA VAL A 137 1.32 0.40 -6.30
C VAL A 137 1.12 0.80 -4.84
N PHE A 138 0.56 1.99 -4.63
CA PHE A 138 0.19 2.41 -3.30
C PHE A 138 -0.86 1.42 -2.72
N TYR A 139 -1.67 0.81 -3.60
CA TYR A 139 -2.70 -0.13 -3.15
C TYR A 139 -2.30 -1.60 -3.21
N LEU A 140 -1.06 -1.87 -3.61
CA LEU A 140 -0.62 -3.26 -3.81
C LEU A 140 -0.14 -3.88 -2.53
N PRO A 141 -0.59 -5.13 -2.20
CA PRO A 141 0.04 -5.64 -1.00
C PRO A 141 1.44 -6.15 -1.38
N PRO A 142 2.39 -6.12 -0.44
CA PRO A 142 3.73 -6.61 -0.80
C PRO A 142 3.78 -8.08 -1.25
N GLU A 143 4.70 -8.40 -2.15
CA GLU A 143 4.93 -9.76 -2.64
C GLU A 143 6.39 -10.15 -2.34
N LYS A 144 6.65 -11.45 -2.17
CA LYS A 144 8.02 -11.93 -2.03
CA LYS A 144 8.03 -11.91 -2.03
C LYS A 144 8.82 -11.65 -3.30
N CYS A 145 10.05 -11.17 -3.15
CA CYS A 145 10.89 -10.85 -4.30
C CYS A 145 12.35 -10.93 -3.86
N ASP A 146 13.20 -11.25 -4.83
CA ASP A 146 14.66 -11.28 -4.64
C ASP A 146 15.29 -9.93 -4.98
N THR A 147 14.59 -9.13 -5.80
CA THR A 147 15.06 -7.80 -6.21
C THR A 147 13.82 -6.88 -6.25
N LEU A 148 13.92 -5.75 -5.60
CA LEU A 148 12.83 -4.74 -5.56
C LEU A 148 13.34 -3.44 -6.16
N LEU A 149 12.72 -3.03 -7.25
CA LEU A 149 13.13 -1.82 -7.96
C LEU A 149 11.94 -0.90 -7.90
N CYS A 150 12.20 0.40 -7.81
CA CYS A 150 11.09 1.37 -7.79
C CYS A 150 11.61 2.65 -8.43
N ASP A 151 10.93 3.15 -9.46
CA ASP A 151 11.39 4.38 -10.18
C ASP A 151 10.28 5.45 -10.14
N ILE A 152 9.48 5.41 -9.09
CA ILE A 152 8.35 6.32 -8.97
C ILE A 152 8.75 7.62 -8.34
N GLY A 153 8.28 8.71 -8.94
CA GLY A 153 8.37 10.00 -8.26
C GLY A 153 8.22 11.11 -9.28
N GLU A 154 7.07 11.76 -9.28
CA GLU A 154 6.78 12.77 -10.29
C GLU A 154 7.24 14.17 -9.83
N SER A 155 8.07 14.81 -10.64
CA SER A 155 8.57 16.15 -10.26
C SER A 155 7.43 17.18 -10.16
N SER A 156 7.63 18.20 -9.33
CA SER A 156 6.65 19.28 -9.16
C SER A 156 7.44 20.56 -8.92
N PRO A 157 6.93 21.72 -9.38
CA PRO A 157 7.55 22.99 -8.95
C PRO A 157 7.58 23.15 -7.42
N SER A 158 6.67 22.50 -6.70
CA SER A 158 6.61 22.64 -5.25
C SER A 158 7.46 21.57 -4.55
N PRO A 159 8.53 21.96 -3.84
CA PRO A 159 9.31 20.96 -3.09
C PRO A 159 8.52 20.30 -1.97
N THR A 160 7.50 20.97 -1.44
CA THR A 160 6.69 20.29 -0.41
C THR A 160 5.75 19.24 -1.03
N VAL A 161 5.22 19.50 -2.23
CA VAL A 161 4.55 18.43 -2.98
C VAL A 161 5.50 17.24 -3.22
N GLU A 162 6.70 17.53 -3.69
CA GLU A 162 7.69 16.46 -3.88
C GLU A 162 8.10 15.72 -2.59
N GLU A 163 8.24 16.44 -1.49
CA GLU A 163 8.51 15.82 -0.18
C GLU A 163 7.41 14.78 0.14
N SER A 164 6.16 15.19 -0.05
CA SER A 164 5.03 14.33 0.19
C SER A 164 5.09 13.06 -0.67
N ARG A 165 5.32 13.25 -1.97
CA ARG A 165 5.44 12.13 -2.92
C ARG A 165 6.59 11.18 -2.56
N THR A 166 7.71 11.76 -2.16
CA THR A 166 8.90 10.98 -1.81
C THR A 166 8.67 10.15 -0.55
N ILE A 167 8.09 10.79 0.48
CA ILE A 167 7.76 10.08 1.74
C ILE A 167 6.75 8.95 1.47
N ARG A 168 5.75 9.20 0.62
CA ARG A 168 4.78 8.16 0.18
C ARG A 168 5.53 6.97 -0.41
N VAL A 169 6.47 7.23 -1.33
CA VAL A 169 7.26 6.17 -1.91
C VAL A 169 8.02 5.38 -0.83
N LEU A 170 8.74 6.08 0.04
CA LEU A 170 9.59 5.44 1.08
C LEU A 170 8.72 4.54 1.96
N LYS A 171 7.57 5.05 2.40
CA LYS A 171 6.63 4.24 3.20
C LYS A 171 6.06 3.04 2.45
N MET A 172 5.72 3.21 1.17
CA MET A 172 5.20 2.16 0.33
C MET A 172 6.22 1.02 0.13
N VAL A 173 7.49 1.37 -0.09
CA VAL A 173 8.44 0.31 -0.46
C VAL A 173 8.90 -0.55 0.71
N GLU A 174 8.88 0.01 1.91
CA GLU A 174 9.54 -0.66 3.02
C GLU A 174 9.06 -2.13 3.27
N PRO A 175 7.73 -2.36 3.28
CA PRO A 175 7.28 -3.76 3.45
C PRO A 175 7.68 -4.74 2.34
N TRP A 176 8.22 -4.24 1.23
CA TRP A 176 8.69 -5.13 0.18
C TRP A 176 10.16 -5.53 0.40
N LEU A 177 10.83 -4.80 1.28
CA LEU A 177 12.27 -4.96 1.57
C LEU A 177 12.48 -6.05 2.60
N LYS A 178 13.01 -7.19 2.15
CA LYS A 178 13.18 -8.34 3.04
C LYS A 178 14.55 -8.95 2.77
N ASN A 179 15.58 -8.19 3.14
CA ASN A 179 16.96 -8.59 2.88
C ASN A 179 17.22 -8.94 1.42
N ASN A 180 16.63 -8.15 0.52
CA ASN A 180 16.79 -8.35 -0.92
C ASN A 180 17.58 -7.19 -1.55
N GLN A 181 17.92 -7.37 -2.83
CA GLN A 181 18.60 -6.37 -3.64
C GLN A 181 17.56 -5.29 -3.93
N PHE A 182 17.98 -4.03 -3.94
CA PHE A 182 17.02 -2.95 -4.22
C PHE A 182 17.66 -1.70 -4.84
N CYS A 183 16.82 -0.97 -5.58
CA CYS A 183 17.21 0.30 -6.21
C CYS A 183 15.91 1.11 -6.27
N ILE A 184 15.86 2.15 -5.46
CA ILE A 184 14.64 2.94 -5.30
C ILE A 184 14.90 4.43 -5.55
N LYS A 185 14.12 4.99 -6.46
CA LYS A 185 14.22 6.43 -6.71
C LYS A 185 13.76 7.25 -5.50
N VAL A 186 14.57 8.24 -5.13
CA VAL A 186 14.22 9.24 -4.10
C VAL A 186 14.12 10.58 -4.78
N LEU A 187 12.89 10.97 -5.09
CA LEU A 187 12.61 12.11 -5.94
C LEU A 187 13.20 13.39 -5.39
N ASN A 188 12.94 13.64 -4.11
CA ASN A 188 13.45 14.83 -3.44
C ASN A 188 14.15 14.38 -2.18
N PRO A 189 15.48 14.24 -2.25
CA PRO A 189 16.23 13.77 -1.09
C PRO A 189 16.74 14.87 -0.15
N TYR A 190 16.47 16.14 -0.45
CA TYR A 190 17.11 17.23 0.30
C TYR A 190 16.24 17.83 1.40
N MET A 191 14.94 17.58 1.38
CA MET A 191 14.06 18.10 2.41
C MET A 191 14.32 17.36 3.71
N PRO A 192 14.48 18.11 4.83
CA PRO A 192 14.84 17.54 6.15
C PRO A 192 14.03 16.29 6.59
N THR A 193 12.71 16.29 6.39
CA THR A 193 11.91 15.16 6.83
C THR A 193 12.26 13.94 5.99
N VAL A 194 12.59 14.13 4.71
CA VAL A 194 12.98 13.00 3.87
C VAL A 194 14.29 12.42 4.40
N ILE A 195 15.21 13.30 4.79
CA ILE A 195 16.53 12.88 5.28
C ILE A 195 16.37 11.98 6.51
N GLU A 196 15.51 12.38 7.45
CA GLU A 196 15.18 11.55 8.64
C GLU A 196 14.71 10.15 8.24
N HIS A 197 13.73 10.07 7.34
CA HIS A 197 13.22 8.78 6.87
C HIS A 197 14.35 7.96 6.25
N LEU A 198 15.14 8.57 5.37
CA LEU A 198 16.22 7.86 4.71
C LEU A 198 17.23 7.29 5.70
N GLU A 199 17.56 8.11 6.70
CA GLU A 199 18.53 7.71 7.72
C GLU A 199 18.00 6.51 8.52
N ARG A 200 16.73 6.57 8.93
CA ARG A 200 16.07 5.46 9.61
C ARG A 200 16.11 4.20 8.74
N LEU A 201 15.72 4.36 7.47
CA LEU A 201 15.71 3.25 6.53
C LEU A 201 17.11 2.64 6.32
N GLN A 202 18.13 3.49 6.33
CA GLN A 202 19.51 3.05 6.09
C GLN A 202 20.04 2.17 7.23
N ARG A 203 19.76 2.59 8.45
CA ARG A 203 20.08 1.81 9.66
C ARG A 203 19.44 0.44 9.62
N LYS A 204 18.20 0.37 9.13
CA LYS A 204 17.48 -0.89 9.13
C LYS A 204 17.86 -1.80 7.97
N HIS A 205 17.95 -1.25 6.75
CA HIS A 205 18.12 -2.04 5.54
C HIS A 205 19.46 -1.83 4.83
N GLY A 206 20.26 -0.88 5.31
CA GLY A 206 21.57 -0.62 4.71
C GLY A 206 21.48 0.12 3.38
N GLY A 207 22.47 -0.12 2.52
CA GLY A 207 22.59 0.56 1.22
C GLY A 207 23.03 2.02 1.36
N MET A 208 22.99 2.73 0.23
CA MET A 208 23.47 4.11 0.16
CA MET A 208 23.41 4.13 0.22
C MET A 208 22.65 4.90 -0.86
N LEU A 209 22.63 6.24 -0.74
CA LEU A 209 22.02 7.11 -1.79
C LEU A 209 23.09 7.46 -2.85
N VAL A 210 22.73 7.33 -4.13
CA VAL A 210 23.66 7.60 -5.25
C VAL A 210 23.02 8.47 -6.33
N ARG A 211 23.79 9.46 -6.77
CA ARG A 211 23.44 10.26 -7.92
C ARG A 211 23.92 9.59 -9.22
N ASN A 212 22.97 9.35 -10.13
CA ASN A 212 23.26 8.80 -11.45
C ASN A 212 23.62 9.90 -12.45
N PRO A 213 24.76 9.76 -13.17
CA PRO A 213 25.16 10.84 -14.12
C PRO A 213 24.22 11.05 -15.32
N LEU A 214 23.33 10.08 -15.56
CA LEU A 214 22.36 10.15 -16.63
C LEU A 214 21.11 10.96 -16.22
N SER A 215 21.00 11.28 -14.94
CA SER A 215 19.86 12.13 -14.48
C SER A 215 20.05 13.55 -14.99
N ARG A 216 18.96 14.18 -15.38
CA ARG A 216 18.96 15.59 -15.80
C ARG A 216 19.14 16.57 -14.63
N ASN A 217 19.67 17.77 -14.93
CA ASN A 217 19.93 18.74 -13.86
C ASN A 217 18.62 19.31 -13.31
N SER A 218 17.56 19.06 -14.06
CA SER A 218 16.21 19.52 -13.69
C SER A 218 15.53 18.71 -12.57
N THR A 219 16.19 17.64 -12.15
CA THR A 219 15.72 16.89 -10.99
C THR A 219 16.87 16.61 -10.04
N HIS A 220 16.59 16.64 -8.74
CA HIS A 220 17.52 16.31 -7.69
C HIS A 220 17.47 14.81 -7.31
N GLU A 221 16.81 14.00 -8.14
CA GLU A 221 16.60 12.55 -7.84
C GLU A 221 17.94 11.88 -7.48
N MET A 222 17.93 11.06 -6.44
CA MET A 222 19.04 10.15 -6.19
C MET A 222 18.41 8.79 -5.95
N TYR A 223 19.20 7.74 -6.05
CA TYR A 223 18.65 6.38 -5.90
C TYR A 223 19.23 5.72 -4.67
N TRP A 224 18.34 5.13 -3.88
CA TRP A 224 18.74 4.32 -2.74
C TRP A 224 19.02 2.91 -3.26
N ILE A 225 20.30 2.53 -3.31
CA ILE A 225 20.71 1.20 -3.80
C ILE A 225 21.25 0.33 -2.63
N SER A 226 21.14 -0.98 -2.77
CA SER A 226 21.33 -1.85 -1.61
C SER A 226 22.81 -2.06 -1.28
N ASN A 227 23.67 -1.98 -2.29
CA ASN A 227 25.07 -2.40 -2.12
C ASN A 227 26.02 -1.21 -2.05
N GLY A 228 26.15 -0.67 -0.85
CA GLY A 228 27.01 0.43 -0.60
C GLY A 228 26.76 0.94 0.80
N THR A 229 27.61 1.86 1.20
CA THR A 229 27.50 2.47 2.49
C THR A 229 27.97 3.91 2.29
N GLY A 230 27.70 4.78 3.26
CA GLY A 230 28.10 6.16 3.12
C GLY A 230 27.17 7.09 3.85
N ASN A 231 27.57 8.36 3.94
CA ASN A 231 26.82 9.41 4.65
C ASN A 231 25.76 10.03 3.71
N ILE A 232 24.49 9.82 4.03
CA ILE A 232 23.39 10.33 3.17
C ILE A 232 23.43 11.85 3.04
N VAL A 233 23.50 12.54 4.17
CA VAL A 233 23.55 14.00 4.20
C VAL A 233 24.70 14.56 3.33
N SER A 234 25.88 13.99 3.48
CA SER A 234 27.01 14.41 2.65
C SER A 234 26.73 14.25 1.15
N SER A 235 26.13 13.10 0.77
CA SER A 235 25.90 12.79 -0.66
C SER A 235 24.88 13.77 -1.23
N VAL A 236 23.89 14.10 -0.42
CA VAL A 236 22.78 14.95 -0.89
C VAL A 236 23.31 16.36 -1.12
N ASN A 237 24.00 16.90 -0.10
CA ASN A 237 24.67 18.20 -0.24
C ASN A 237 25.62 18.29 -1.44
N MET A 238 26.37 17.21 -1.71
CA MET A 238 27.26 17.11 -2.87
C MET A 238 26.47 17.37 -4.15
N VAL A 239 25.31 16.72 -4.26
CA VAL A 239 24.45 16.92 -5.43
C VAL A 239 23.91 18.37 -5.49
N SER A 240 23.47 18.88 -4.35
CA SER A 240 22.94 20.26 -4.33
C SER A 240 24.03 21.24 -4.83
N ARG A 241 25.26 21.03 -4.38
CA ARG A 241 26.38 21.93 -4.80
C ARG A 241 26.66 21.79 -6.30
N LEU A 242 26.68 20.55 -6.78
CA LEU A 242 26.83 20.26 -8.19
C LEU A 242 25.81 21.00 -9.06
N LEU A 243 24.52 20.84 -8.74
CA LEU A 243 23.43 21.34 -9.51
C LEU A 243 23.39 22.86 -9.47
N LEU A 244 23.76 23.42 -8.32
CA LEU A 244 23.89 24.86 -8.16
C LEU A 244 25.04 25.39 -9.02
N ASN A 245 26.18 24.72 -8.97
CA ASN A 245 27.31 25.15 -9.79
C ASN A 245 26.98 25.13 -11.28
N ARG A 246 26.10 24.21 -11.70
CA ARG A 246 25.74 24.11 -13.10
C ARG A 246 24.87 25.25 -13.62
N PHE A 247 24.37 26.09 -12.71
CA PHE A 247 23.69 27.34 -13.09
C PHE A 247 24.65 28.44 -13.56
N THR A 248 25.89 28.37 -13.11
CA THR A 248 26.84 29.50 -13.23
C THR A 248 27.51 29.63 -14.60
N MET A 249 27.45 28.59 -15.43
CA MET A 249 28.13 28.66 -16.72
C MET A 249 27.22 28.37 -17.89
N THR A 250 27.65 28.83 -19.07
CA THR A 250 26.88 28.55 -20.27
C THR A 250 26.80 27.03 -20.48
N HIS A 251 25.73 26.61 -21.15
CA HIS A 251 25.44 25.20 -21.43
C HIS A 251 26.67 24.41 -21.88
N ARG A 252 27.03 23.39 -21.11
CA ARG A 252 28.03 22.41 -21.50
C ARG A 252 27.29 21.25 -22.18
N ARG A 253 27.64 20.94 -23.42
CA ARG A 253 26.92 19.92 -24.15
C ARG A 253 27.08 18.58 -23.42
N PRO A 254 26.01 17.78 -23.36
CA PRO A 254 26.11 16.54 -22.60
C PRO A 254 27.10 15.53 -23.23
N THR A 255 27.67 14.71 -22.36
CA THR A 255 28.54 13.62 -22.78
C THR A 255 27.66 12.50 -23.38
N ILE A 256 27.84 12.24 -24.68
CA ILE A 256 26.97 11.30 -25.40
C ILE A 256 27.57 9.89 -25.48
N GLU A 257 26.81 8.95 -24.96
CA GLU A 257 27.22 7.54 -24.89
C GLU A 257 26.30 6.63 -25.71
N LYS A 258 26.76 5.39 -25.94
CA LYS A 258 26.01 4.42 -26.73
C LYS A 258 24.86 3.86 -25.89
N ASP A 259 23.71 3.70 -26.49
CA ASP A 259 22.56 3.11 -25.81
C ASP A 259 22.77 1.59 -25.71
N VAL A 260 21.97 0.94 -24.90
CA VAL A 260 22.12 -0.50 -24.65
C VAL A 260 21.49 -1.36 -25.78
N ASP A 261 22.13 -2.47 -26.10
CA ASP A 261 21.56 -3.43 -27.06
C ASP A 261 21.01 -4.60 -26.23
N LEU A 262 19.69 -4.74 -26.25
CA LEU A 262 19.07 -5.75 -25.42
C LEU A 262 18.86 -7.08 -26.13
N GLY A 263 19.23 -7.14 -27.40
CA GLY A 263 19.26 -8.40 -28.16
C GLY A 263 17.90 -9.00 -28.48
N ALA A 264 17.87 -10.32 -28.61
CA ALA A 264 16.68 -11.09 -29.00
C ALA A 264 16.74 -12.52 -28.42
N GLY A 265 15.60 -13.23 -28.36
CA GLY A 265 15.58 -14.63 -27.85
C GLY A 265 15.10 -14.93 -26.42
N THR A 266 14.96 -16.21 -26.08
CA THR A 266 14.49 -16.59 -24.73
C THR A 266 15.55 -16.97 -23.70
N ARG A 267 15.10 -17.00 -22.46
CA ARG A 267 15.83 -17.60 -21.38
C ARG A 267 14.96 -18.78 -20.92
N GLU B 12 -1.83 13.60 25.86
CA GLU B 12 -2.93 12.62 25.58
C GLU B 12 -3.52 12.79 24.18
N THR B 13 -4.00 11.67 23.62
CA THR B 13 -4.37 11.64 22.22
C THR B 13 -5.76 12.21 22.02
N LEU B 14 -6.04 12.69 20.82
CA LEU B 14 -7.38 13.17 20.51
C LEU B 14 -8.42 12.06 20.74
N GLY B 15 -8.04 10.81 20.46
CA GLY B 15 -8.90 9.65 20.69
C GLY B 15 -9.25 9.49 22.15
N GLU B 16 -8.26 9.63 23.05
CA GLU B 16 -8.55 9.57 24.49
C GLU B 16 -9.51 10.65 24.93
N LYS B 17 -9.42 11.82 24.31
CA LYS B 17 -10.32 12.95 24.65
C LYS B 17 -11.75 12.66 24.17
N TRP B 18 -11.87 12.01 23.02
CA TRP B 18 -13.16 11.57 22.50
C TRP B 18 -13.72 10.54 23.49
N LYS B 19 -12.86 9.64 23.95
CA LYS B 19 -13.31 8.55 24.84
C LYS B 19 -13.88 9.10 26.16
N LYS B 20 -13.17 10.07 26.76
CA LYS B 20 -13.67 10.73 27.97
C LYS B 20 -15.03 11.38 27.78
N LYS B 21 -15.23 12.07 26.67
CA LYS B 21 -16.52 12.71 26.36
C LYS B 21 -17.62 11.69 26.18
N LEU B 22 -17.33 10.62 25.44
CA LEU B 22 -18.26 9.51 25.26
C LEU B 22 -18.69 8.93 26.61
N ASN B 23 -17.72 8.74 27.51
CA ASN B 23 -17.98 8.13 28.81
C ASN B 23 -18.87 8.95 29.75
N GLN B 24 -19.00 10.24 29.48
CA GLN B 24 -19.81 11.12 30.34
C GLN B 24 -21.18 11.39 29.73
N LEU B 25 -21.47 10.78 28.58
CA LEU B 25 -22.80 10.88 27.98
C LEU B 25 -23.83 10.05 28.75
N SER B 26 -25.04 10.55 28.94
CA SER B 26 -26.11 9.71 29.48
C SER B 26 -26.51 8.63 28.47
N ARG B 27 -27.21 7.59 28.91
CA ARG B 27 -27.75 6.55 28.03
C ARG B 27 -28.52 7.13 26.85
N LYS B 28 -29.30 8.18 27.12
CA LYS B 28 -30.13 8.80 26.09
C LYS B 28 -29.30 9.56 25.05
N GLU B 29 -28.33 10.34 25.53
CA GLU B 29 -27.42 11.09 24.69
C GLU B 29 -26.55 10.15 23.87
N PHE B 30 -26.04 9.11 24.54
CA PHE B 30 -25.30 8.01 23.92
C PHE B 30 -26.07 7.35 22.75
N ASP B 31 -27.35 6.98 22.96
CA ASP B 31 -28.18 6.37 21.91
C ASP B 31 -28.43 7.26 20.69
N LEU B 32 -28.49 8.56 20.90
CA LEU B 32 -28.62 9.53 19.81
CA LEU B 32 -28.61 9.51 19.79
C LEU B 32 -27.29 9.75 19.08
N TYR B 33 -26.24 10.03 19.86
CA TYR B 33 -24.91 10.23 19.31
C TYR B 33 -24.46 9.09 18.41
N LYS B 34 -24.63 7.85 18.89
CA LYS B 34 -24.19 6.61 18.20
C LYS B 34 -24.50 6.55 16.70
N LYS B 35 -25.66 7.08 16.33
CA LYS B 35 -26.19 6.94 14.98
C LYS B 35 -26.07 8.18 14.16
N SER B 36 -25.64 9.29 14.77
CA SER B 36 -25.71 10.56 14.07
C SER B 36 -24.77 10.60 12.85
N GLY B 37 -25.37 10.73 11.67
CA GLY B 37 -24.60 10.85 10.45
C GLY B 37 -24.04 9.55 9.88
N ILE B 38 -24.34 8.41 10.50
CA ILE B 38 -23.72 7.14 10.05
C ILE B 38 -24.52 6.55 8.88
N THR B 39 -24.02 5.44 8.33
CA THR B 39 -24.76 4.66 7.35
C THR B 39 -25.21 3.39 8.08
N GLU B 40 -26.40 2.90 7.72
CA GLU B 40 -26.96 1.74 8.37
C GLU B 40 -27.80 0.97 7.33
N VAL B 41 -27.67 -0.36 7.30
CA VAL B 41 -28.57 -1.16 6.43
C VAL B 41 -29.88 -1.39 7.19
N ASP B 42 -30.97 -1.53 6.44
CA ASP B 42 -32.27 -1.84 7.00
C ASP B 42 -32.37 -3.34 7.27
N ARG B 43 -32.36 -3.71 8.55
CA ARG B 43 -32.36 -5.12 8.94
C ARG B 43 -33.77 -5.67 9.16
N THR B 44 -34.77 -4.83 8.87
CA THR B 44 -36.20 -5.15 9.11
C THR B 44 -36.54 -6.52 8.52
N GLU B 45 -36.37 -6.65 7.20
CA GLU B 45 -36.73 -7.89 6.47
C GLU B 45 -35.93 -9.12 6.97
N ALA B 46 -34.62 -8.93 7.15
CA ALA B 46 -33.76 -10.00 7.61
C ALA B 46 -34.13 -10.58 8.98
N LYS B 47 -34.39 -9.72 9.96
CA LYS B 47 -34.62 -10.18 11.32
C LYS B 47 -35.89 -11.01 11.35
N GLU B 48 -36.91 -10.55 10.64
CA GLU B 48 -38.19 -11.26 10.50
C GLU B 48 -37.95 -12.65 9.86
N GLY B 49 -37.21 -12.69 8.76
CA GLY B 49 -36.86 -13.94 8.08
C GLY B 49 -36.12 -14.90 8.98
N LEU B 50 -35.10 -14.38 9.67
CA LEU B 50 -34.32 -15.17 10.62
C LEU B 50 -35.15 -15.63 11.83
N LYS B 51 -36.12 -14.81 12.19
CA LYS B 51 -37.11 -15.17 13.19
C LYS B 51 -37.91 -16.42 12.73
N ARG B 52 -38.31 -16.44 11.47
CA ARG B 52 -39.09 -17.55 10.93
C ARG B 52 -38.25 -18.75 10.50
N GLY B 53 -36.93 -18.68 10.73
CA GLY B 53 -36.06 -19.80 10.41
C GLY B 53 -35.70 -19.91 8.92
N GLU B 54 -35.91 -18.81 8.19
CA GLU B 54 -35.54 -18.75 6.76
C GLU B 54 -34.02 -18.81 6.64
N THR B 55 -33.54 -19.55 5.64
CA THR B 55 -32.10 -19.85 5.51
C THR B 55 -31.51 -19.33 4.21
N THR B 56 -32.34 -18.67 3.40
CA THR B 56 -31.84 -18.09 2.15
C THR B 56 -31.99 -16.57 2.13
N HIS B 57 -31.16 -15.93 1.28
CA HIS B 57 -31.11 -14.47 1.03
C HIS B 57 -30.58 -13.62 2.17
N HIS B 58 -31.07 -13.86 3.37
CA HIS B 58 -30.73 -12.97 4.51
C HIS B 58 -29.29 -13.11 4.99
N ALA B 59 -28.72 -11.97 5.37
CA ALA B 59 -27.46 -11.96 6.10
C ALA B 59 -27.79 -12.21 7.57
N VAL B 60 -26.94 -12.98 8.24
CA VAL B 60 -27.13 -13.34 9.69
C VAL B 60 -26.89 -12.19 10.67
N SER B 61 -26.19 -11.16 10.21
CA SER B 61 -25.81 -10.06 11.06
C SER B 61 -25.58 -8.83 10.16
N ARG B 62 -25.36 -7.68 10.79
CA ARG B 62 -24.97 -6.48 10.05
C ARG B 62 -23.54 -6.62 9.44
N GLY B 63 -22.84 -7.67 9.82
CA GLY B 63 -21.46 -7.92 9.38
C GLY B 63 -21.30 -8.10 7.88
N SER B 64 -22.27 -8.76 7.23
CA SER B 64 -22.16 -8.99 5.79
C SER B 64 -22.06 -7.64 5.05
N ALA B 65 -22.99 -6.72 5.33
CA ALA B 65 -22.93 -5.39 4.72
C ALA B 65 -21.61 -4.66 5.07
N LYS B 66 -21.16 -4.81 6.31
CA LYS B 66 -19.97 -4.08 6.74
C LYS B 66 -18.74 -4.52 5.92
N LEU B 67 -18.56 -5.83 5.81
CA LEU B 67 -17.47 -6.35 5.00
C LEU B 67 -17.61 -5.99 3.52
N GLN B 68 -18.86 -6.06 3.03
CA GLN B 68 -19.12 -5.72 1.62
C GLN B 68 -18.59 -4.30 1.32
N TRP B 69 -18.77 -3.39 2.25
CA TRP B 69 -18.27 -2.01 2.04
C TRP B 69 -16.76 -1.97 1.68
N PHE B 70 -15.97 -2.71 2.44
CA PHE B 70 -14.55 -2.82 2.16
C PHE B 70 -14.31 -3.56 0.82
N VAL B 71 -14.99 -4.69 0.63
CA VAL B 71 -14.71 -5.54 -0.54
C VAL B 71 -15.06 -4.83 -1.87
N GLU B 72 -16.17 -4.08 -1.88
CA GLU B 72 -16.58 -3.39 -3.10
C GLU B 72 -15.67 -2.18 -3.43
N ARG B 73 -14.78 -1.83 -2.50
CA ARG B 73 -13.76 -0.79 -2.72
C ARG B 73 -12.37 -1.39 -2.86
N ASN B 74 -12.31 -2.73 -3.03
CA ASN B 74 -11.04 -3.41 -3.17
C ASN B 74 -10.04 -3.24 -2.00
N MET B 75 -10.56 -2.90 -0.82
CA MET B 75 -9.73 -2.73 0.39
C MET B 75 -9.16 -4.06 0.89
N VAL B 76 -9.98 -5.11 0.75
CA VAL B 76 -9.55 -6.49 0.91
C VAL B 76 -10.23 -7.25 -0.21
N ILE B 77 -9.52 -8.19 -0.81
CA ILE B 77 -10.02 -8.91 -1.97
C ILE B 77 -10.04 -10.41 -1.62
N PRO B 78 -11.15 -10.87 -1.01
CA PRO B 78 -11.23 -12.26 -0.55
C PRO B 78 -11.03 -13.25 -1.72
N GLU B 79 -10.19 -14.27 -1.49
CA GLU B 79 -9.86 -15.23 -2.55
C GLU B 79 -9.39 -16.53 -1.94
N GLY B 80 -9.56 -17.63 -2.68
CA GLY B 80 -9.03 -18.92 -2.29
C GLY B 80 -9.48 -19.35 -0.90
N ARG B 81 -8.53 -19.75 -0.07
CA ARG B 81 -8.86 -20.16 1.28
C ARG B 81 -8.96 -18.97 2.26
N VAL B 82 -10.17 -18.75 2.78
CA VAL B 82 -10.48 -17.63 3.68
C VAL B 82 -10.61 -18.15 5.09
N ILE B 83 -9.87 -17.54 6.00
CA ILE B 83 -9.97 -17.86 7.41
C ILE B 83 -10.64 -16.65 8.06
N ASP B 84 -11.73 -16.91 8.79
CA ASP B 84 -12.52 -15.91 9.47
C ASP B 84 -12.43 -16.08 10.99
N LEU B 85 -11.51 -15.34 11.61
CA LEU B 85 -11.28 -15.40 13.06
C LEU B 85 -12.29 -14.57 13.86
N GLY B 86 -12.98 -15.21 14.80
CA GLY B 86 -14.08 -14.57 15.51
C GLY B 86 -15.29 -14.41 14.60
N CYS B 87 -15.76 -15.53 14.03
CA CYS B 87 -16.78 -15.42 13.02
C CYS B 87 -18.19 -15.10 13.58
N GLY B 88 -18.42 -15.31 14.89
CA GLY B 88 -19.73 -15.05 15.46
C GLY B 88 -20.80 -15.86 14.73
N ARG B 89 -21.93 -15.23 14.42
CA ARG B 89 -23.04 -15.85 13.68
C ARG B 89 -22.64 -16.29 12.26
N GLY B 90 -21.59 -15.66 11.72
CA GLY B 90 -21.06 -15.97 10.38
C GLY B 90 -21.22 -14.91 9.29
N GLY B 91 -21.56 -13.69 9.64
CA GLY B 91 -21.78 -12.63 8.61
C GLY B 91 -20.68 -12.43 7.56
N TRP B 92 -19.43 -12.43 7.98
CA TRP B 92 -18.31 -12.28 7.05
C TRP B 92 -18.11 -13.58 6.24
N SER B 93 -18.28 -14.70 6.90
CA SER B 93 -18.06 -15.98 6.23
C SER B 93 -19.08 -16.23 5.12
N TYR B 94 -20.35 -15.97 5.41
CA TYR B 94 -21.38 -16.20 4.41
C TYR B 94 -21.30 -15.20 3.26
N TYR B 95 -20.85 -13.98 3.57
CA TYR B 95 -20.63 -12.99 2.49
C TYR B 95 -19.51 -13.49 1.58
N CYS B 96 -18.36 -13.85 2.15
CA CYS B 96 -17.25 -14.35 1.32
C CYS B 96 -17.61 -15.59 0.51
N ALA B 97 -18.47 -16.44 1.08
CA ALA B 97 -18.83 -17.72 0.41
C ALA B 97 -19.45 -17.52 -0.97
N GLY B 98 -20.01 -16.34 -1.26
CA GLY B 98 -20.67 -16.08 -2.55
C GLY B 98 -19.76 -15.44 -3.63
N LEU B 99 -18.52 -15.13 -3.25
CA LEU B 99 -17.57 -14.38 -4.11
C LEU B 99 -16.81 -15.35 -5.03
N LYS B 100 -16.74 -15.02 -6.32
CA LYS B 100 -16.17 -15.94 -7.34
CA LYS B 100 -16.21 -16.00 -7.28
C LYS B 100 -14.81 -16.52 -6.95
N LYS B 101 -13.91 -15.63 -6.53
CA LYS B 101 -12.50 -16.02 -6.27
C LYS B 101 -12.28 -16.86 -5.00
N VAL B 102 -13.28 -16.92 -4.13
CA VAL B 102 -13.20 -17.64 -2.87
C VAL B 102 -13.47 -19.13 -3.09
N THR B 103 -12.60 -20.00 -2.57
CA THR B 103 -12.81 -21.45 -2.75
C THR B 103 -13.21 -22.24 -1.50
N GLU B 104 -12.90 -21.71 -0.31
CA GLU B 104 -13.13 -22.40 0.97
C GLU B 104 -13.19 -21.31 2.05
N VAL B 105 -14.17 -21.40 2.96
CA VAL B 105 -14.26 -20.44 4.10
C VAL B 105 -14.29 -21.23 5.39
N ARG B 106 -13.33 -20.97 6.27
CA ARG B 106 -13.35 -21.60 7.60
C ARG B 106 -13.45 -20.50 8.63
N GLY B 107 -14.52 -20.55 9.41
CA GLY B 107 -14.83 -19.57 10.43
C GLY B 107 -14.62 -20.20 11.78
N TYR B 108 -14.07 -19.44 12.71
CA TYR B 108 -13.82 -19.95 14.06
C TYR B 108 -14.34 -18.96 15.05
N THR B 109 -15.07 -19.43 16.07
CA THR B 109 -15.62 -18.51 17.08
C THR B 109 -15.66 -19.21 18.46
N LYS B 110 -15.58 -18.44 19.53
CA LYS B 110 -15.47 -19.11 20.85
C LYS B 110 -16.79 -19.73 21.27
N GLY B 111 -17.88 -19.00 21.05
CA GLY B 111 -19.24 -19.43 21.42
C GLY B 111 -19.42 -19.50 22.93
N GLY B 112 -20.53 -20.12 23.33
CA GLY B 112 -20.80 -20.33 24.76
C GLY B 112 -21.59 -19.19 25.35
N PRO B 113 -21.68 -19.14 26.68
CA PRO B 113 -22.45 -18.03 27.23
C PRO B 113 -21.62 -16.74 27.26
N GLY B 114 -22.19 -15.55 27.03
CA GLY B 114 -23.17 -15.25 26.02
C GLY B 114 -22.27 -14.64 24.93
N HIS B 115 -21.68 -15.55 24.14
CA HIS B 115 -21.03 -15.23 22.88
C HIS B 115 -21.87 -15.80 21.74
N GLU B 116 -21.92 -15.08 20.62
CA GLU B 116 -22.77 -15.51 19.50
C GLU B 116 -22.37 -16.89 18.99
N GLU B 117 -23.36 -17.69 18.59
CA GLU B 117 -23.02 -18.98 18.00
C GLU B 117 -23.21 -18.91 16.48
N PRO B 118 -22.44 -19.68 15.71
CA PRO B 118 -22.71 -19.74 14.25
C PRO B 118 -24.19 -20.05 13.94
N VAL B 119 -24.76 -19.35 12.97
CA VAL B 119 -26.12 -19.61 12.46
C VAL B 119 -25.99 -20.38 11.13
N PRO B 120 -26.53 -21.61 11.05
CA PRO B 120 -26.59 -22.34 9.77
C PRO B 120 -27.47 -21.62 8.73
N MET B 121 -26.92 -21.41 7.54
CA MET B 121 -27.66 -20.80 6.45
C MET B 121 -27.47 -21.59 5.14
N SER B 122 -28.32 -21.29 4.19
CA SER B 122 -28.27 -21.89 2.86
C SER B 122 -28.17 -20.82 1.82
N THR B 123 -27.51 -19.71 2.20
CA THR B 123 -27.23 -18.66 1.24
C THR B 123 -26.23 -19.14 0.18
N TYR B 124 -26.12 -18.39 -0.93
CA TYR B 124 -25.32 -18.86 -2.05
C TYR B 124 -23.89 -19.15 -1.62
N GLY B 125 -23.41 -20.35 -1.90
CA GLY B 125 -22.04 -20.69 -1.56
C GLY B 125 -21.92 -21.39 -0.21
N TRP B 126 -23.05 -21.59 0.47
CA TRP B 126 -23.04 -22.09 1.86
C TRP B 126 -22.20 -23.38 2.01
N ASN B 127 -22.17 -24.17 0.95
CA ASN B 127 -21.49 -25.48 1.00
C ASN B 127 -19.98 -25.40 1.17
N ILE B 128 -19.36 -24.27 0.82
CA ILE B 128 -17.90 -24.16 1.00
C ILE B 128 -17.49 -23.55 2.36
N VAL B 129 -18.48 -23.37 3.24
CA VAL B 129 -18.29 -22.77 4.54
C VAL B 129 -18.27 -23.83 5.66
N LYS B 130 -17.29 -23.72 6.54
CA LYS B 130 -17.35 -24.45 7.81
C LYS B 130 -17.14 -23.50 8.97
N LEU B 131 -18.20 -23.36 9.78
CA LEU B 131 -18.19 -22.52 10.97
C LEU B 131 -18.02 -23.43 12.17
N MET B 132 -16.99 -23.15 12.96
CA MET B 132 -16.69 -23.96 14.14
C MET B 132 -16.73 -23.13 15.39
N SER B 133 -17.66 -23.49 16.27
CA SER B 133 -17.79 -22.89 17.59
C SER B 133 -16.88 -23.61 18.59
N GLY B 134 -16.76 -23.07 19.80
CA GLY B 134 -15.89 -23.66 20.82
C GLY B 134 -14.40 -23.53 20.52
N LYS B 135 -14.04 -22.54 19.71
CA LYS B 135 -12.66 -22.40 19.25
C LYS B 135 -12.10 -21.07 19.74
N ASP B 136 -10.94 -21.14 20.39
CA ASP B 136 -10.25 -19.96 20.86
C ASP B 136 -9.12 -19.68 19.90
N VAL B 137 -9.29 -18.62 19.10
CA VAL B 137 -8.31 -18.28 18.06
C VAL B 137 -6.89 -18.06 18.63
N PHE B 138 -6.83 -17.68 19.89
CA PHE B 138 -5.52 -17.59 20.57
C PHE B 138 -4.80 -18.97 20.62
N TYR B 139 -5.52 -20.06 20.34
CA TYR B 139 -4.98 -21.45 20.33
C TYR B 139 -5.05 -22.18 19.00
N LEU B 140 -5.10 -21.39 17.93
CA LEU B 140 -5.21 -21.93 16.62
C LEU B 140 -3.87 -21.74 15.95
N PRO B 141 -3.14 -22.84 15.73
CA PRO B 141 -1.90 -22.72 14.96
C PRO B 141 -2.18 -22.05 13.62
N PRO B 142 -1.48 -20.93 13.34
CA PRO B 142 -1.54 -20.35 12.01
C PRO B 142 -1.46 -21.41 10.90
N GLU B 143 -2.53 -21.47 10.10
CA GLU B 143 -2.59 -22.28 8.89
C GLU B 143 -2.29 -21.41 7.68
N LYS B 144 -1.81 -22.03 6.60
CA LYS B 144 -1.72 -21.33 5.32
C LYS B 144 -3.13 -20.93 4.89
N CYS B 145 -3.25 -19.70 4.39
CA CYS B 145 -4.51 -19.20 3.86
C CYS B 145 -4.24 -18.02 2.96
N ASP B 146 -5.20 -17.73 2.07
CA ASP B 146 -5.05 -16.69 1.08
C ASP B 146 -5.69 -15.38 1.52
N THR B 147 -6.63 -15.50 2.45
CA THR B 147 -7.33 -14.34 3.03
C THR B 147 -7.47 -14.55 4.53
N LEU B 148 -7.03 -13.56 5.31
CA LEU B 148 -7.14 -13.62 6.78
C LEU B 148 -8.07 -12.48 7.25
N LEU B 149 -9.19 -12.86 7.84
CA LEU B 149 -10.17 -11.91 8.36
C LEU B 149 -10.25 -12.06 9.86
N CYS B 150 -10.37 -10.95 10.58
CA CYS B 150 -10.53 -11.02 12.03
C CYS B 150 -11.38 -9.85 12.53
N ASP B 151 -12.44 -10.16 13.27
CA ASP B 151 -13.37 -9.11 13.71
C ASP B 151 -13.51 -9.06 15.26
N ILE B 152 -12.43 -9.41 15.95
CA ILE B 152 -12.43 -9.58 17.40
C ILE B 152 -11.98 -8.28 18.10
N GLY B 153 -12.71 -7.94 19.15
CA GLY B 153 -12.34 -6.79 20.00
C GLY B 153 -13.54 -6.32 20.77
N GLU B 154 -13.54 -6.57 22.08
CA GLU B 154 -14.67 -6.19 22.93
C GLU B 154 -14.47 -4.81 23.58
N SER B 155 -15.42 -3.89 23.36
CA SER B 155 -15.44 -2.54 23.97
C SER B 155 -15.40 -2.54 25.48
N SER B 156 -14.85 -1.46 26.03
CA SER B 156 -14.81 -1.23 27.47
C SER B 156 -14.81 0.28 27.65
N PRO B 157 -15.40 0.78 28.74
CA PRO B 157 -15.27 2.21 29.04
C PRO B 157 -13.81 2.59 29.33
N SER B 158 -13.00 1.62 29.69
CA SER B 158 -11.57 1.81 29.94
C SER B 158 -10.71 1.67 28.68
N PRO B 159 -10.13 2.78 28.20
CA PRO B 159 -9.25 2.67 27.04
C PRO B 159 -8.00 1.85 27.29
N THR B 160 -7.54 1.75 28.54
CA THR B 160 -6.37 0.87 28.81
C THR B 160 -6.73 -0.63 28.75
N VAL B 161 -7.95 -0.97 29.17
CA VAL B 161 -8.48 -2.33 28.97
C VAL B 161 -8.56 -2.63 27.46
N GLU B 162 -9.16 -1.72 26.70
CA GLU B 162 -9.22 -1.88 25.24
C GLU B 162 -7.84 -1.96 24.61
N GLU B 163 -6.89 -1.14 25.08
CA GLU B 163 -5.50 -1.22 24.60
C GLU B 163 -4.90 -2.63 24.74
N SER B 164 -5.04 -3.21 25.93
CA SER B 164 -4.65 -4.60 26.19
C SER B 164 -5.31 -5.57 25.23
N ARG B 165 -6.64 -5.45 25.08
CA ARG B 165 -7.38 -6.36 24.19
C ARG B 165 -6.90 -6.25 22.74
N THR B 166 -6.73 -5.00 22.28
CA THR B 166 -6.26 -4.73 20.93
C THR B 166 -4.87 -5.29 20.68
N ILE B 167 -3.94 -5.05 21.61
CA ILE B 167 -2.58 -5.50 21.40
C ILE B 167 -2.56 -7.04 21.36
N ARG B 168 -3.42 -7.66 22.16
CA ARG B 168 -3.50 -9.12 22.18
C ARG B 168 -3.96 -9.70 20.83
N VAL B 169 -4.97 -9.08 20.24
CA VAL B 169 -5.40 -9.40 18.87
C VAL B 169 -4.27 -9.23 17.84
N LEU B 170 -3.55 -8.11 17.92
CA LEU B 170 -2.53 -7.81 16.96
C LEU B 170 -1.36 -8.81 17.04
N LYS B 171 -1.01 -9.23 18.25
CA LYS B 171 -0.01 -10.29 18.45
C LYS B 171 -0.47 -11.67 17.93
N MET B 172 -1.73 -11.99 18.18
CA MET B 172 -2.36 -13.21 17.67
C MET B 172 -2.41 -13.29 16.12
N VAL B 173 -2.82 -12.20 15.44
CA VAL B 173 -3.03 -12.25 13.98
C VAL B 173 -1.74 -12.28 13.18
N GLU B 174 -0.70 -11.60 13.67
CA GLU B 174 0.52 -11.44 12.92
C GLU B 174 1.11 -12.71 12.25
N PRO B 175 1.24 -13.85 12.98
CA PRO B 175 1.82 -15.04 12.33
C PRO B 175 1.00 -15.67 11.21
N TRP B 176 -0.24 -15.18 11.03
CA TRP B 176 -1.10 -15.65 9.96
C TRP B 176 -0.83 -14.92 8.67
N LEU B 177 -0.14 -13.79 8.75
CA LEU B 177 0.03 -12.90 7.62
C LEU B 177 1.26 -13.29 6.85
N LYS B 178 1.04 -13.80 5.66
CA LYS B 178 2.10 -14.31 4.81
C LYS B 178 1.87 -13.91 3.37
N ASN B 179 2.08 -12.62 3.10
CA ASN B 179 1.80 -12.05 1.78
C ASN B 179 0.42 -12.48 1.29
N ASN B 180 -0.56 -12.32 2.16
CA ASN B 180 -1.93 -12.61 1.78
C ASN B 180 -2.86 -11.42 1.98
N GLN B 181 -4.11 -11.55 1.55
CA GLN B 181 -5.13 -10.54 1.78
C GLN B 181 -5.58 -10.57 3.25
N PHE B 182 -5.83 -9.41 3.85
CA PHE B 182 -6.36 -9.41 5.21
C PHE B 182 -7.23 -8.18 5.51
N CYS B 183 -8.06 -8.34 6.53
CA CYS B 183 -8.91 -7.29 7.05
C CYS B 183 -9.12 -7.63 8.51
N ILE B 184 -8.56 -6.79 9.38
CA ILE B 184 -8.49 -7.08 10.82
C ILE B 184 -9.00 -5.89 11.65
N LYS B 185 -10.00 -6.12 12.52
CA LYS B 185 -10.50 -5.06 13.39
C LYS B 185 -9.44 -4.61 14.36
N VAL B 186 -9.32 -3.30 14.47
CA VAL B 186 -8.46 -2.70 15.49
C VAL B 186 -9.39 -1.94 16.41
N LEU B 187 -9.72 -2.57 17.54
CA LEU B 187 -10.74 -2.07 18.44
C LEU B 187 -10.43 -0.64 18.91
N ASN B 188 -9.22 -0.44 19.41
CA ASN B 188 -8.78 0.87 19.88
C ASN B 188 -7.47 1.22 19.15
N PRO B 189 -7.55 1.99 18.05
CA PRO B 189 -6.36 2.33 17.29
C PRO B 189 -5.66 3.62 17.77
N TYR B 190 -6.20 4.32 18.76
CA TYR B 190 -5.67 5.66 19.10
C TYR B 190 -4.69 5.67 20.32
N MET B 191 -4.67 4.59 21.08
CA MET B 191 -3.80 4.53 22.26
C MET B 191 -2.36 4.46 21.79
N PRO B 192 -1.46 5.30 22.37
CA PRO B 192 -0.07 5.39 21.86
C PRO B 192 0.64 4.07 21.62
N THR B 193 0.45 3.08 22.49
CA THR B 193 1.15 1.79 22.39
C THR B 193 0.59 0.99 21.20
N VAL B 194 -0.70 1.13 20.97
CA VAL B 194 -1.34 0.52 19.81
C VAL B 194 -0.78 1.16 18.54
N ILE B 195 -0.64 2.47 18.52
CA ILE B 195 -0.10 3.15 17.35
C ILE B 195 1.33 2.67 17.03
N GLU B 196 2.17 2.56 18.05
CA GLU B 196 3.55 2.09 17.88
C GLU B 196 3.59 0.72 17.23
N HIS B 197 2.74 -0.15 17.75
CA HIS B 197 2.60 -1.53 17.33
C HIS B 197 2.12 -1.63 15.88
N LEU B 198 1.11 -0.83 15.53
CA LEU B 198 0.62 -0.80 14.15
C LEU B 198 1.66 -0.28 13.17
N GLU B 199 2.41 0.74 13.59
CA GLU B 199 3.52 1.25 12.77
C GLU B 199 4.56 0.16 12.47
N ARG B 200 4.88 -0.63 13.49
CA ARG B 200 5.81 -1.75 13.38
CA ARG B 200 5.81 -1.76 13.37
C ARG B 200 5.27 -2.79 12.39
N LEU B 201 3.99 -3.14 12.54
CA LEU B 201 3.31 -4.09 11.61
C LEU B 201 3.24 -3.58 10.19
N GLN B 202 2.97 -2.30 10.02
CA GLN B 202 2.89 -1.71 8.70
C GLN B 202 4.27 -1.76 7.99
N ARG B 203 5.34 -1.55 8.71
CA ARG B 203 6.67 -1.63 8.08
C ARG B 203 6.98 -3.05 7.62
N LYS B 204 6.42 -4.03 8.33
CA LYS B 204 6.69 -5.44 8.06
C LYS B 204 5.74 -6.03 7.02
N HIS B 205 4.44 -5.79 7.21
CA HIS B 205 3.38 -6.38 6.39
C HIS B 205 2.68 -5.43 5.40
N GLY B 206 2.84 -4.13 5.62
CA GLY B 206 2.18 -3.12 4.78
C GLY B 206 0.73 -2.98 5.22
N GLY B 207 -0.12 -2.56 4.28
CA GLY B 207 -1.53 -2.30 4.56
C GLY B 207 -1.68 -0.96 5.27
N MET B 208 -2.94 -0.64 5.58
CA MET B 208 -3.26 0.62 6.25
CA MET B 208 -3.34 0.65 6.11
C MET B 208 -4.56 0.47 7.03
N LEU B 209 -4.85 1.48 7.84
CA LEU B 209 -6.10 1.56 8.61
C LEU B 209 -7.19 2.33 7.86
N VAL B 210 -8.41 1.81 7.89
CA VAL B 210 -9.56 2.46 7.27
C VAL B 210 -10.74 2.47 8.23
N ARG B 211 -11.58 3.50 8.08
CA ARG B 211 -12.80 3.67 8.86
C ARG B 211 -14.00 3.28 8.02
N ASN B 212 -14.84 2.41 8.56
CA ASN B 212 -16.05 1.99 7.87
C ASN B 212 -17.23 2.89 8.28
N PRO B 213 -17.94 3.53 7.31
CA PRO B 213 -19.04 4.46 7.64
C PRO B 213 -20.23 3.73 8.24
N LEU B 214 -20.26 2.39 8.13
CA LEU B 214 -21.28 1.61 8.85
C LEU B 214 -20.95 1.42 10.35
N SER B 215 -19.74 1.82 10.77
CA SER B 215 -19.42 1.77 12.19
C SER B 215 -20.22 2.85 12.93
N ARG B 216 -20.70 2.52 14.11
CA ARG B 216 -21.35 3.53 14.97
C ARG B 216 -20.35 4.53 15.54
N ASN B 217 -20.85 5.73 15.90
CA ASN B 217 -19.98 6.76 16.45
C ASN B 217 -19.50 6.38 17.84
N SER B 218 -20.16 5.39 18.45
CA SER B 218 -19.82 4.90 19.80
C SER B 218 -18.55 4.08 19.85
N THR B 219 -18.04 3.72 18.68
CA THR B 219 -16.79 2.99 18.60
C THR B 219 -15.76 3.71 17.71
N HIS B 220 -14.48 3.67 18.10
CA HIS B 220 -13.37 4.25 17.33
C HIS B 220 -12.69 3.18 16.48
N GLU B 221 -13.33 2.00 16.37
CA GLU B 221 -12.72 0.87 15.64
C GLU B 221 -12.30 1.28 14.22
N MET B 222 -11.13 0.80 13.81
CA MET B 222 -10.74 0.88 12.42
C MET B 222 -10.26 -0.49 11.98
N TYR B 223 -10.10 -0.69 10.70
CA TYR B 223 -9.71 -1.99 10.18
C TYR B 223 -8.40 -1.86 9.47
N TRP B 224 -7.47 -2.74 9.87
CA TRP B 224 -6.19 -2.84 9.20
C TRP B 224 -6.41 -3.73 7.98
N ILE B 225 -6.32 -3.12 6.80
CA ILE B 225 -6.51 -3.84 5.55
C ILE B 225 -5.19 -3.97 4.77
N SER B 226 -5.10 -5.00 3.92
CA SER B 226 -3.81 -5.35 3.26
C SER B 226 -3.42 -4.35 2.15
N ASN B 227 -4.44 -3.73 1.56
CA ASN B 227 -4.26 -3.03 0.28
C ASN B 227 -4.24 -1.53 0.48
N GLY B 228 -3.05 -0.96 0.64
CA GLY B 228 -2.90 0.49 0.83
C GLY B 228 -1.77 0.81 1.80
N THR B 229 -1.32 2.06 1.81
CA THR B 229 -0.14 2.47 2.57
CA THR B 229 -0.18 2.44 2.66
C THR B 229 -0.32 3.77 3.42
N GLY B 230 -1.52 4.32 3.52
CA GLY B 230 -1.68 5.57 4.32
C GLY B 230 -0.85 5.75 5.63
N ASN B 231 -0.77 6.98 6.13
CA ASN B 231 -0.05 7.26 7.37
C ASN B 231 -1.01 6.91 8.53
N ILE B 232 -0.62 5.98 9.41
CA ILE B 232 -1.49 5.50 10.52
C ILE B 232 -1.92 6.62 11.47
N VAL B 233 -0.94 7.38 11.97
CA VAL B 233 -1.25 8.50 12.87
C VAL B 233 -2.26 9.44 12.26
N SER B 234 -2.04 9.82 11.01
CA SER B 234 -2.94 10.68 10.30
C SER B 234 -4.38 10.12 10.17
N SER B 235 -4.47 8.87 9.71
CA SER B 235 -5.78 8.26 9.54
C SER B 235 -6.56 8.17 10.89
N VAL B 236 -5.83 7.84 11.97
CA VAL B 236 -6.47 7.73 13.30
C VAL B 236 -6.97 9.08 13.79
N ASN B 237 -6.10 10.09 13.67
CA ASN B 237 -6.52 11.46 14.03
C ASN B 237 -7.70 12.01 13.26
N MET B 238 -7.81 11.67 11.98
CA MET B 238 -8.93 12.13 11.14
CA MET B 238 -8.95 12.21 11.22
C MET B 238 -10.25 11.56 11.66
N VAL B 239 -10.20 10.29 12.08
CA VAL B 239 -11.38 9.66 12.68
C VAL B 239 -11.72 10.32 14.03
N SER B 240 -10.72 10.50 14.90
CA SER B 240 -10.91 11.20 16.18
C SER B 240 -11.56 12.59 16.00
N ARG B 241 -11.11 13.36 15.00
CA ARG B 241 -11.73 14.67 14.75
C ARG B 241 -13.17 14.51 14.27
N LEU B 242 -13.37 13.56 13.37
CA LEU B 242 -14.72 13.23 12.86
C LEU B 242 -15.70 12.96 14.00
N LEU B 243 -15.33 12.04 14.88
CA LEU B 243 -16.20 11.62 15.96
C LEU B 243 -16.41 12.76 16.98
N LEU B 244 -15.37 13.57 17.22
CA LEU B 244 -15.52 14.70 18.14
C LEU B 244 -16.53 15.72 17.58
N ASN B 245 -16.46 15.98 16.28
CA ASN B 245 -17.36 16.95 15.67
C ASN B 245 -18.80 16.44 15.74
N ARG B 246 -18.99 15.12 15.62
CA ARG B 246 -20.34 14.54 15.64
C ARG B 246 -21.04 14.65 17.01
N PHE B 247 -20.29 14.96 18.07
CA PHE B 247 -20.94 15.22 19.37
C PHE B 247 -21.82 16.45 19.24
N THR B 248 -21.30 17.47 18.58
CA THR B 248 -21.92 18.82 18.58
C THR B 248 -22.71 19.22 17.33
N MET B 249 -22.45 18.57 16.19
CA MET B 249 -23.22 18.90 15.00
C MET B 249 -24.69 18.52 15.22
N THR B 250 -25.61 19.22 14.57
CA THR B 250 -27.01 18.87 14.72
C THR B 250 -27.24 17.40 14.25
N HIS B 251 -28.06 16.63 14.98
CA HIS B 251 -28.40 15.23 14.60
C HIS B 251 -28.58 15.34 13.09
N ARG B 252 -27.94 14.49 12.30
CA ARG B 252 -28.62 13.54 11.43
C ARG B 252 -28.98 12.08 11.73
N ARG B 253 -30.22 11.74 11.39
CA ARG B 253 -30.65 10.36 11.39
C ARG B 253 -29.78 9.57 10.41
N PRO B 254 -29.48 8.30 10.73
CA PRO B 254 -28.61 7.54 9.79
C PRO B 254 -29.13 7.45 8.35
N THR B 255 -28.19 7.43 7.41
CA THR B 255 -28.47 7.10 6.04
C THR B 255 -28.79 5.60 5.99
N ILE B 256 -30.02 5.29 5.58
CA ILE B 256 -30.49 3.91 5.52
C ILE B 256 -30.33 3.35 4.11
N GLU B 257 -29.70 2.17 4.03
CA GLU B 257 -29.44 1.48 2.79
C GLU B 257 -30.06 0.09 2.83
N LYS B 258 -30.36 -0.45 1.65
CA LYS B 258 -30.84 -1.82 1.59
C LYS B 258 -29.74 -2.79 2.02
N ASP B 259 -30.14 -3.80 2.80
CA ASP B 259 -29.21 -4.86 3.26
C ASP B 259 -28.80 -5.77 2.09
N VAL B 260 -27.71 -6.48 2.26
CA VAL B 260 -27.20 -7.38 1.23
C VAL B 260 -28.20 -8.50 1.00
N ASP B 261 -28.31 -8.96 -0.25
CA ASP B 261 -29.06 -10.17 -0.55
C ASP B 261 -28.04 -11.26 -0.92
N LEU B 262 -27.91 -12.27 -0.04
CA LEU B 262 -26.84 -13.27 -0.24
C LEU B 262 -27.28 -14.51 -1.03
N GLY B 263 -28.45 -14.41 -1.67
CA GLY B 263 -28.91 -15.46 -2.56
C GLY B 263 -29.16 -16.80 -1.91
N ALA B 264 -29.12 -17.84 -2.74
CA ALA B 264 -29.48 -19.19 -2.33
C ALA B 264 -28.72 -20.25 -3.15
N GLY B 265 -28.52 -21.40 -2.54
CA GLY B 265 -28.03 -22.58 -3.27
C GLY B 265 -26.54 -22.88 -3.19
N THR B 266 -26.17 -24.08 -3.63
CA THR B 266 -24.77 -24.49 -3.57
C THR B 266 -23.98 -23.86 -4.70
N ARG B 267 -22.66 -23.81 -4.53
CA ARG B 267 -21.70 -23.47 -5.57
C ARG B 267 -20.97 -24.69 -6.08
#